data_1MWO
#
_entry.id   1MWO
#
_cell.length_a   62.880
_cell.length_b   78.200
_cell.length_c   106.289
_cell.angle_alpha   90.00
_cell.angle_beta   90.00
_cell.angle_gamma   90.00
#
_symmetry.space_group_name_H-M   'P 21 21 21'
#
loop_
_entity.id
_entity.type
_entity.pdbx_description
1 polymer 'alpha amylase'
2 non-polymer 'ZINC ION'
3 non-polymer 'CALCIUM ION'
4 water water
#
_entity_poly.entity_id   1
_entity_poly.type   'polypeptide(L)'
_entity_poly.pdbx_seq_one_letter_code
;AKYLELEEGGVIMQAFYWDVPGGGIWWDHIRSKIPEWYEAGISAIWLPPPSKGMSGGYSMGYDPYDYFDLGEYYQKGTVE
TRFGSKEELVRLIQTAHAYGIKVIADVVINHRAGGDLEWNPFVGDYTWTDFSKVASGKYTANYLDFHPNELHCCDEGTFG
GFPDICHHKEWDQYWLWKSNESYAAYLRSIGFDGWRFDYVKGYGAWVVRDWLNWWGGWAVGEYWDTNVDALLSWAYESGA
KVFDFPLYYKMDEAFDNNNIPALVYALQNGQTVVSRDPFKAVTFVANHDTDIIWNKYPAYAFILTYEGQPVIFYRDFEEW
LNKDKLINLIWIHDHLAGGSTTIVYYDNDELIFVRNGDSRRPGLITYINLSPNWVGRWVYVPKFAGACIHEYTGNLGGWV
DKRVDSSGWVYLEAPPHDPANGYYGYSVWSYCGVG
;
_entity_poly.pdbx_strand_id   A
#
# COMPACT_ATOMS: atom_id res chain seq x y z
N ALA A 1 16.09 -6.45 0.37
CA ALA A 1 15.07 -7.35 0.97
C ALA A 1 15.65 -8.70 1.41
N LYS A 2 15.30 -9.12 2.62
CA LYS A 2 15.80 -10.38 3.15
C LYS A 2 15.25 -11.60 2.40
N TYR A 3 13.98 -11.52 2.00
CA TYR A 3 13.33 -12.61 1.28
C TYR A 3 12.98 -12.20 -0.15
N LEU A 4 11.72 -11.85 -0.40
CA LEU A 4 11.32 -11.42 -1.75
C LEU A 4 11.57 -9.94 -1.97
N GLU A 5 11.84 -9.58 -3.22
CA GLU A 5 12.07 -8.19 -3.57
C GLU A 5 10.72 -7.57 -3.97
N LEU A 6 10.68 -6.26 -4.04
CA LEU A 6 9.45 -5.54 -4.42
C LEU A 6 8.86 -6.02 -5.74
N GLU A 7 9.68 -6.14 -6.80
CA GLU A 7 9.18 -6.59 -8.10
C GLU A 7 8.76 -8.06 -8.09
N GLU A 8 9.22 -8.82 -7.10
CA GLU A 8 8.85 -10.22 -7.00
C GLU A 8 7.58 -10.35 -6.16
N GLY A 9 6.96 -9.22 -5.84
CA GLY A 9 5.74 -9.23 -5.05
C GLY A 9 5.98 -9.24 -3.56
N GLY A 10 7.14 -8.76 -3.12
CA GLY A 10 7.44 -8.73 -1.70
C GLY A 10 6.47 -7.85 -0.92
N VAL A 11 6.48 -8.00 0.40
CA VAL A 11 5.59 -7.23 1.27
C VAL A 11 6.02 -5.76 1.34
N ILE A 12 5.04 -4.87 1.39
CA ILE A 12 5.30 -3.45 1.46
C ILE A 12 4.85 -2.87 2.80
N MET A 13 5.59 -1.90 3.30
CA MET A 13 5.23 -1.26 4.55
C MET A 13 4.86 0.21 4.27
N GLN A 14 3.63 0.61 4.60
CA GLN A 14 3.26 2.01 4.45
C GLN A 14 3.90 2.60 5.71
N ALA A 15 5.03 3.29 5.52
CA ALA A 15 5.79 3.84 6.65
C ALA A 15 5.28 5.11 7.29
N PHE A 16 3.96 5.22 7.45
CA PHE A 16 3.36 6.40 8.07
C PHE A 16 1.86 6.19 8.28
N TYR A 17 1.22 7.22 8.82
CA TYR A 17 -0.22 7.20 9.06
C TYR A 17 -0.67 8.65 9.15
N TRP A 18 -1.95 8.91 9.36
CA TRP A 18 -2.39 10.30 9.40
C TRP A 18 -1.98 11.03 10.67
N ASP A 19 -1.38 12.20 10.48
CA ASP A 19 -0.90 13.04 11.58
C ASP A 19 0.17 12.38 12.44
N VAL A 20 1.24 11.92 11.81
CA VAL A 20 2.34 11.31 12.54
C VAL A 20 2.93 12.43 13.39
N PRO A 21 3.67 12.10 14.45
CA PRO A 21 4.27 13.14 15.30
C PRO A 21 5.12 14.08 14.44
N GLY A 22 4.96 15.39 14.67
CA GLY A 22 5.72 16.36 13.91
C GLY A 22 7.07 16.70 14.49
N GLY A 23 7.59 17.87 14.14
CA GLY A 23 8.88 18.29 14.66
C GLY A 23 10.02 17.81 13.79
N GLY A 24 9.69 17.28 12.61
CA GLY A 24 10.71 16.80 11.70
C GLY A 24 11.46 15.56 12.15
N ILE A 25 10.81 14.74 12.97
CA ILE A 25 11.43 13.54 13.48
C ILE A 25 11.16 12.25 12.69
N TRP A 26 10.20 12.29 11.77
CA TRP A 26 9.84 11.07 11.03
C TRP A 26 10.91 10.41 10.18
N TRP A 27 11.57 11.15 9.30
CA TRP A 27 12.58 10.53 8.45
C TRP A 27 13.60 9.75 9.30
N ASP A 28 14.14 10.39 10.34
CA ASP A 28 15.13 9.71 11.20
C ASP A 28 14.49 8.53 11.93
N HIS A 29 13.24 8.67 12.36
CA HIS A 29 12.59 7.58 13.06
C HIS A 29 12.46 6.33 12.18
N ILE A 30 11.99 6.52 10.95
CA ILE A 30 11.85 5.39 10.03
C ILE A 30 13.21 4.78 9.72
N ARG A 31 14.21 5.64 9.55
CA ARG A 31 15.56 5.18 9.27
C ARG A 31 16.07 4.27 10.38
N SER A 32 15.74 4.59 11.63
CA SER A 32 16.16 3.77 12.76
C SER A 32 15.45 2.42 12.74
N LYS A 33 14.36 2.33 11.96
CA LYS A 33 13.57 1.13 11.85
C LYS A 33 13.93 0.18 10.71
N ILE A 34 14.78 0.64 9.79
CA ILE A 34 15.15 -0.20 8.66
C ILE A 34 15.74 -1.55 9.04
N PRO A 35 16.67 -1.58 10.01
CA PRO A 35 17.27 -2.86 10.43
C PRO A 35 16.22 -3.90 10.86
N GLU A 36 15.28 -3.47 11.70
CA GLU A 36 14.22 -4.34 12.18
C GLU A 36 13.31 -4.79 11.04
N TRP A 37 12.89 -3.83 10.22
CA TRP A 37 12.01 -4.15 9.09
C TRP A 37 12.72 -5.04 8.08
N TYR A 38 14.04 -4.89 7.97
CA TYR A 38 14.81 -5.71 7.05
C TYR A 38 14.76 -7.17 7.52
N GLU A 39 14.98 -7.36 8.82
CA GLU A 39 14.96 -8.71 9.40
C GLU A 39 13.56 -9.29 9.37
N ALA A 40 12.55 -8.42 9.36
CA ALA A 40 11.16 -8.87 9.33
C ALA A 40 10.74 -9.31 7.93
N GLY A 41 11.51 -8.93 6.91
CA GLY A 41 11.18 -9.33 5.56
C GLY A 41 10.51 -8.27 4.70
N ILE A 42 10.47 -7.03 5.17
CA ILE A 42 9.88 -5.92 4.41
C ILE A 42 10.75 -5.68 3.19
N SER A 43 10.13 -5.65 2.00
CA SER A 43 10.86 -5.45 0.76
C SER A 43 10.87 -4.01 0.29
N ALA A 44 9.96 -3.20 0.80
CA ALA A 44 9.90 -1.81 0.38
C ALA A 44 9.08 -0.99 1.35
N ILE A 45 9.39 0.30 1.41
CA ILE A 45 8.68 1.21 2.28
C ILE A 45 8.07 2.32 1.44
N TRP A 46 6.82 2.64 1.75
CA TRP A 46 6.10 3.69 1.06
C TRP A 46 6.09 4.86 2.05
N LEU A 47 6.75 5.95 1.66
CA LEU A 47 6.87 7.15 2.49
C LEU A 47 5.84 8.20 2.11
N PRO A 48 5.48 9.10 3.04
CA PRO A 48 4.49 10.14 2.75
C PRO A 48 5.08 11.23 1.82
N PRO A 49 4.21 12.01 1.15
CA PRO A 49 4.70 13.08 0.25
C PRO A 49 5.83 13.82 0.95
N PRO A 50 7.00 13.91 0.31
CA PRO A 50 8.19 14.57 0.86
C PRO A 50 8.35 16.08 0.68
N SER A 51 7.54 16.70 -0.16
CA SER A 51 7.66 18.13 -0.43
C SER A 51 6.99 19.06 0.58
N LYS A 52 7.51 20.28 0.66
CA LYS A 52 7.01 21.32 1.54
C LYS A 52 5.57 21.67 1.19
N GLY A 53 4.66 21.50 2.15
CA GLY A 53 3.26 21.80 1.90
C GLY A 53 2.82 23.17 2.35
N MET A 54 1.62 23.55 1.91
CA MET A 54 1.02 24.83 2.25
C MET A 54 0.93 25.02 3.76
N SER A 55 0.55 23.96 4.46
CA SER A 55 0.43 24.03 5.90
C SER A 55 1.78 23.88 6.59
N GLY A 56 2.85 23.87 5.80
CA GLY A 56 4.19 23.75 6.33
C GLY A 56 4.39 22.67 7.40
N GLY A 57 4.83 23.09 8.58
CA GLY A 57 5.08 22.16 9.67
C GLY A 57 3.96 21.19 9.99
N TYR A 58 2.71 21.57 9.74
CA TYR A 58 1.57 20.70 10.03
C TYR A 58 1.18 19.82 8.84
N SER A 59 1.77 20.09 7.69
CA SER A 59 1.45 19.36 6.47
C SER A 59 1.81 17.88 6.44
N MET A 60 0.89 17.08 5.90
CA MET A 60 1.11 15.65 5.77
C MET A 60 1.62 15.39 4.35
N GLY A 61 1.79 16.47 3.58
CA GLY A 61 2.32 16.37 2.24
C GLY A 61 1.31 16.36 1.10
N TYR A 62 0.02 16.26 1.42
CA TYR A 62 -1.02 16.21 0.40
C TYR A 62 -1.53 17.57 -0.09
N ASP A 63 -0.88 18.63 0.40
CA ASP A 63 -1.21 20.00 0.00
C ASP A 63 0.14 20.62 -0.43
N PRO A 64 0.85 19.95 -1.35
CA PRO A 64 2.15 20.42 -1.84
C PRO A 64 2.18 21.86 -2.33
N TYR A 65 3.21 22.59 -1.91
CA TYR A 65 3.42 23.98 -2.31
C TYR A 65 4.65 24.08 -3.21
N ASP A 66 5.82 23.79 -2.65
CA ASP A 66 7.08 23.82 -3.41
C ASP A 66 7.55 22.38 -3.54
N TYR A 67 7.34 21.80 -4.71
CA TYR A 67 7.74 20.42 -4.96
C TYR A 67 9.21 20.12 -4.76
N PHE A 68 10.06 21.08 -5.12
CA PHE A 68 11.50 20.91 -5.02
C PHE A 68 12.12 21.32 -3.69
N ASP A 69 11.27 21.40 -2.67
CA ASP A 69 11.72 21.72 -1.32
C ASP A 69 11.35 20.51 -0.49
N LEU A 70 12.32 19.65 -0.24
CA LEU A 70 12.09 18.45 0.53
C LEU A 70 12.47 18.67 2.01
N GLY A 71 12.38 19.93 2.45
CA GLY A 71 12.71 20.29 3.82
C GLY A 71 14.08 20.92 3.84
N GLU A 72 14.31 21.85 2.94
CA GLU A 72 15.61 22.52 2.80
C GLU A 72 15.58 24.04 2.72
N TYR A 73 14.40 24.64 2.60
CA TYR A 73 14.29 26.10 2.55
C TYR A 73 13.30 26.56 3.60
N TYR A 74 13.54 27.72 4.20
CA TYR A 74 12.60 28.23 5.18
C TYR A 74 11.47 28.74 4.31
N GLN A 75 10.29 28.15 4.49
CA GLN A 75 9.13 28.50 3.69
C GLN A 75 7.91 27.99 4.43
N LYS A 76 6.82 28.74 4.36
CA LYS A 76 5.59 28.35 5.04
C LYS A 76 5.85 28.11 6.52
N GLY A 77 6.67 28.97 7.12
CA GLY A 77 6.99 28.88 8.53
C GLY A 77 7.94 27.82 9.04
N THR A 78 8.61 27.09 8.14
CA THR A 78 9.52 26.05 8.60
C THR A 78 10.56 25.66 7.56
N VAL A 79 11.71 25.17 8.02
CA VAL A 79 12.76 24.73 7.11
C VAL A 79 12.47 23.28 6.74
N GLU A 80 12.41 22.41 7.74
CA GLU A 80 12.12 21.00 7.48
C GLU A 80 10.63 20.86 7.20
N THR A 81 10.24 19.75 6.56
CA THR A 81 8.83 19.51 6.31
C THR A 81 8.37 18.97 7.66
N ARG A 82 7.14 18.48 7.76
CA ARG A 82 6.67 17.92 9.03
C ARG A 82 7.49 16.69 9.34
N PHE A 83 7.91 16.00 8.28
CA PHE A 83 8.68 14.76 8.40
C PHE A 83 10.17 14.91 8.68
N GLY A 84 10.79 15.96 8.13
CA GLY A 84 12.21 16.17 8.38
C GLY A 84 12.92 17.01 7.33
N SER A 85 14.26 16.94 7.32
CA SER A 85 15.06 17.68 6.37
C SER A 85 15.31 16.84 5.13
N LYS A 86 15.80 17.47 4.07
CA LYS A 86 16.09 16.75 2.83
C LYS A 86 17.20 15.74 3.07
N GLU A 87 18.22 16.14 3.84
CA GLU A 87 19.32 15.22 4.12
C GLU A 87 18.85 13.99 4.87
N GLU A 88 17.98 14.19 5.85
CA GLU A 88 17.46 13.07 6.63
C GLU A 88 16.71 12.09 5.73
N LEU A 89 15.95 12.63 4.78
CA LEU A 89 15.21 11.77 3.84
C LEU A 89 16.19 10.99 2.97
N VAL A 90 17.17 11.69 2.40
CA VAL A 90 18.17 11.06 1.55
C VAL A 90 18.89 9.96 2.33
N ARG A 91 19.26 10.28 3.56
CA ARG A 91 19.96 9.32 4.42
C ARG A 91 19.08 8.10 4.67
N LEU A 92 17.78 8.33 4.86
CA LEU A 92 16.83 7.25 5.07
C LEU A 92 16.82 6.35 3.84
N ILE A 93 16.76 6.96 2.66
CA ILE A 93 16.76 6.21 1.41
C ILE A 93 18.01 5.36 1.30
N GLN A 94 19.16 5.96 1.59
CA GLN A 94 20.44 5.26 1.51
C GLN A 94 20.50 4.06 2.46
N THR A 95 19.97 4.24 3.66
CA THR A 95 19.97 3.16 4.66
C THR A 95 19.08 2.04 4.14
N ALA A 96 17.94 2.39 3.58
CA ALA A 96 17.02 1.39 3.04
C ALA A 96 17.74 0.59 1.95
N HIS A 97 18.39 1.27 1.02
CA HIS A 97 19.10 0.61 -0.07
C HIS A 97 20.27 -0.27 0.39
N ALA A 98 20.88 0.10 1.52
CA ALA A 98 21.99 -0.68 2.04
C ALA A 98 21.45 -2.07 2.37
N TYR A 99 20.17 -2.13 2.70
CA TYR A 99 19.52 -3.38 3.04
C TYR A 99 18.70 -3.96 1.89
N GLY A 100 18.86 -3.39 0.69
CA GLY A 100 18.11 -3.87 -0.46
C GLY A 100 16.63 -3.54 -0.39
N ILE A 101 16.24 -2.63 0.50
CA ILE A 101 14.84 -2.26 0.63
C ILE A 101 14.52 -1.08 -0.29
N LYS A 102 13.53 -1.26 -1.17
CA LYS A 102 13.13 -0.22 -2.11
C LYS A 102 12.28 0.86 -1.45
N VAL A 103 12.29 2.05 -2.03
CA VAL A 103 11.51 3.15 -1.47
C VAL A 103 10.53 3.73 -2.48
N ILE A 104 9.28 3.85 -2.04
CA ILE A 104 8.20 4.34 -2.88
C ILE A 104 7.77 5.76 -2.51
N ALA A 105 7.76 6.63 -3.52
CA ALA A 105 7.38 8.02 -3.31
C ALA A 105 5.89 8.24 -3.51
N ASP A 106 5.28 8.98 -2.60
CA ASP A 106 3.87 9.29 -2.69
C ASP A 106 3.77 10.55 -3.57
N VAL A 107 3.38 10.37 -4.82
CA VAL A 107 3.29 11.47 -5.78
C VAL A 107 1.94 12.16 -5.79
N VAL A 108 1.91 13.41 -5.32
CA VAL A 108 0.70 14.20 -5.25
C VAL A 108 0.74 15.28 -6.34
N ILE A 109 0.15 14.98 -7.50
CA ILE A 109 0.15 15.95 -8.58
C ILE A 109 -1.20 16.34 -9.16
N ASN A 110 -2.28 16.03 -8.45
CA ASN A 110 -3.59 16.43 -8.94
C ASN A 110 -3.83 17.90 -8.60
N HIS A 111 -3.39 18.30 -7.41
CA HIS A 111 -3.58 19.66 -6.94
C HIS A 111 -2.34 20.23 -6.28
N ARG A 112 -2.35 21.54 -6.06
CA ARG A 112 -1.25 22.24 -5.43
C ARG A 112 -1.88 23.22 -4.46
N ALA A 113 -1.14 23.62 -3.43
CA ALA A 113 -1.67 24.55 -2.44
C ALA A 113 -0.64 25.55 -1.94
N GLY A 114 -1.14 26.57 -1.23
CA GLY A 114 -0.27 27.59 -0.68
C GLY A 114 0.08 28.74 -1.60
N GLY A 115 -0.52 28.77 -2.78
CA GLY A 115 -0.24 29.84 -3.72
C GLY A 115 -0.73 31.20 -3.23
N ASP A 116 -0.19 32.28 -3.80
CA ASP A 116 -0.59 33.63 -3.41
C ASP A 116 -1.85 34.07 -4.15
N LEU A 117 -2.63 34.93 -3.50
CA LEU A 117 -3.84 35.43 -4.10
C LEU A 117 -3.42 36.14 -5.38
N GLU A 118 -4.16 35.91 -6.44
CA GLU A 118 -3.84 36.49 -7.74
C GLU A 118 -5.13 36.62 -8.56
N TRP A 119 -5.27 37.74 -9.28
CA TRP A 119 -6.47 37.90 -10.07
C TRP A 119 -6.47 36.91 -11.22
N ASN A 120 -7.56 36.16 -11.35
CA ASN A 120 -7.70 35.14 -12.37
C ASN A 120 -8.68 35.57 -13.47
N PRO A 121 -8.19 35.68 -14.73
CA PRO A 121 -8.99 36.08 -15.89
C PRO A 121 -10.03 35.06 -16.35
N PHE A 122 -9.79 33.78 -16.07
CA PHE A 122 -10.71 32.73 -16.49
C PHE A 122 -11.84 32.43 -15.52
N VAL A 123 -11.84 33.13 -14.40
CA VAL A 123 -12.87 32.91 -13.39
C VAL A 123 -13.53 34.25 -13.03
N GLY A 124 -12.83 35.34 -13.31
CA GLY A 124 -13.36 36.65 -13.00
C GLY A 124 -13.33 36.91 -11.51
N ASP A 125 -12.25 36.48 -10.87
CA ASP A 125 -12.09 36.66 -9.43
C ASP A 125 -10.69 36.20 -9.01
N TYR A 126 -10.30 36.54 -7.78
CA TYR A 126 -8.97 36.16 -7.30
C TYR A 126 -8.89 34.68 -6.87
N THR A 127 -7.83 34.02 -7.30
CA THR A 127 -7.60 32.62 -6.94
C THR A 127 -6.16 32.48 -6.43
N TRP A 128 -5.93 31.49 -5.58
CA TRP A 128 -4.60 31.26 -5.01
C TRP A 128 -3.76 30.42 -5.97
N THR A 129 -3.44 30.99 -7.12
CA THR A 129 -2.69 30.28 -8.14
C THR A 129 -1.32 30.86 -8.44
N ASP A 130 -0.94 31.89 -7.69
CA ASP A 130 0.37 32.51 -7.90
C ASP A 130 1.43 31.76 -7.10
N PHE A 131 2.24 30.95 -7.80
CA PHE A 131 3.30 30.18 -7.15
C PHE A 131 4.69 30.66 -7.56
N SER A 132 4.78 31.94 -7.91
CA SER A 132 6.04 32.52 -8.34
C SER A 132 7.07 32.65 -7.23
N LYS A 133 6.63 32.64 -5.97
CA LYS A 133 7.56 32.79 -4.85
C LYS A 133 8.16 31.51 -4.28
N VAL A 134 7.95 30.39 -4.97
CA VAL A 134 8.50 29.11 -4.54
C VAL A 134 10.00 29.28 -4.27
N ALA A 135 10.41 29.09 -3.01
CA ALA A 135 11.80 29.26 -2.61
C ALA A 135 12.82 28.54 -3.49
N SER A 136 12.48 27.35 -3.97
CA SER A 136 13.39 26.60 -4.82
C SER A 136 13.52 27.25 -6.18
N GLY A 137 12.57 28.12 -6.53
CA GLY A 137 12.61 28.78 -7.81
C GLY A 137 12.32 27.84 -8.97
N LYS A 138 11.93 26.60 -8.65
CA LYS A 138 11.64 25.61 -9.68
C LYS A 138 10.16 25.32 -9.77
N TYR A 139 9.69 25.15 -11.00
CA TYR A 139 8.29 24.88 -11.27
C TYR A 139 7.38 25.96 -10.66
N THR A 140 7.64 27.22 -11.02
CA THR A 140 6.78 28.31 -10.55
C THR A 140 5.51 28.12 -11.36
N ALA A 141 4.44 28.82 -11.00
CA ALA A 141 3.20 28.68 -11.76
C ALA A 141 2.17 29.75 -11.43
N ASN A 142 1.24 29.95 -12.34
CA ASN A 142 0.17 30.92 -12.16
C ASN A 142 -1.14 30.30 -12.67
N TYR A 143 -2.23 31.06 -12.60
CA TYR A 143 -3.54 30.58 -13.02
C TYR A 143 -3.57 29.77 -14.32
N LEU A 144 -2.66 30.04 -15.24
CA LEU A 144 -2.65 29.32 -16.51
C LEU A 144 -2.36 27.83 -16.32
N ASP A 145 -1.68 27.49 -15.22
CA ASP A 145 -1.33 26.11 -14.94
C ASP A 145 -2.42 25.33 -14.20
N PHE A 146 -3.55 25.99 -13.93
CA PHE A 146 -4.66 25.35 -13.23
C PHE A 146 -5.99 25.57 -13.94
N HIS A 147 -6.96 24.72 -13.60
CA HIS A 147 -8.29 24.80 -14.19
C HIS A 147 -9.14 25.86 -13.48
N PRO A 148 -9.92 26.64 -14.26
CA PRO A 148 -10.03 26.57 -15.72
C PRO A 148 -8.98 27.45 -16.41
N ASN A 149 -8.70 27.16 -17.67
CA ASN A 149 -7.74 27.94 -18.44
C ASN A 149 -8.14 28.04 -19.92
N GLU A 150 -7.25 28.49 -20.79
CA GLU A 150 -7.58 28.61 -22.21
C GLU A 150 -7.62 27.29 -22.96
N LEU A 151 -7.44 26.19 -22.25
CA LEU A 151 -7.45 24.89 -22.89
C LEU A 151 -8.80 24.21 -22.65
N HIS A 152 -9.22 24.20 -21.39
CA HIS A 152 -10.49 23.63 -20.98
C HIS A 152 -10.80 24.09 -19.56
N CYS A 153 -12.02 23.85 -19.11
CA CYS A 153 -12.44 24.28 -17.79
C CYS A 153 -12.11 23.31 -16.70
N CYS A 154 -12.25 22.05 -17.05
CA CYS A 154 -12.16 20.98 -16.09
C CYS A 154 -11.47 19.73 -16.60
N ASP A 155 -11.15 18.82 -15.68
CA ASP A 155 -10.54 17.54 -16.03
C ASP A 155 -11.29 16.47 -15.24
N GLU A 156 -10.72 15.27 -15.12
CA GLU A 156 -11.36 14.18 -14.40
C GLU A 156 -11.91 14.53 -13.01
N GLY A 157 -11.19 15.34 -12.24
CA GLY A 157 -11.68 15.68 -10.91
C GLY A 157 -10.84 16.65 -10.09
N THR A 158 -11.45 17.21 -9.05
CA THR A 158 -10.74 18.15 -8.21
C THR A 158 -10.68 17.63 -6.77
N PHE A 159 -10.02 18.39 -5.90
CA PHE A 159 -9.91 17.98 -4.51
C PHE A 159 -9.80 19.15 -3.53
N GLY A 160 -10.52 19.03 -2.42
CA GLY A 160 -10.50 20.03 -1.36
C GLY A 160 -10.36 21.50 -1.72
N GLY A 161 -10.90 21.90 -2.85
CA GLY A 161 -10.81 23.30 -3.25
C GLY A 161 -9.40 23.80 -3.51
N PHE A 162 -8.50 22.89 -3.83
CA PHE A 162 -7.10 23.25 -4.12
C PHE A 162 -6.90 23.44 -5.62
N PRO A 163 -6.06 24.42 -6.00
CA PRO A 163 -5.82 24.65 -7.42
C PRO A 163 -5.57 23.32 -8.12
N ASP A 164 -6.37 23.05 -9.14
CA ASP A 164 -6.30 21.80 -9.88
C ASP A 164 -5.35 21.94 -11.06
N ILE A 165 -4.25 21.18 -11.00
CA ILE A 165 -3.21 21.19 -12.01
C ILE A 165 -3.64 20.67 -13.37
N CYS A 166 -3.30 21.42 -14.42
CA CYS A 166 -3.63 21.06 -15.79
C CYS A 166 -2.40 20.39 -16.41
N HIS A 167 -2.37 19.07 -16.35
CA HIS A 167 -1.23 18.30 -16.87
C HIS A 167 -1.05 18.39 -18.39
N HIS A 168 -2.04 18.94 -19.07
CA HIS A 168 -1.95 19.07 -20.52
C HIS A 168 -0.98 20.17 -20.97
N LYS A 169 -0.73 21.14 -20.09
CA LYS A 169 0.21 22.23 -20.42
C LYS A 169 1.64 21.68 -20.41
N GLU A 170 2.43 22.08 -21.40
CA GLU A 170 3.82 21.63 -21.50
C GLU A 170 4.67 22.03 -20.30
N TRP A 171 4.44 23.25 -19.80
CA TRP A 171 5.17 23.75 -18.66
C TRP A 171 5.05 22.78 -17.50
N ASP A 172 3.82 22.37 -17.22
CA ASP A 172 3.54 21.45 -16.13
C ASP A 172 4.11 20.06 -16.38
N GLN A 173 4.01 19.57 -17.61
CA GLN A 173 4.55 18.26 -17.95
C GLN A 173 6.07 18.26 -17.71
N TYR A 174 6.72 19.31 -18.22
CA TYR A 174 8.16 19.48 -18.08
C TYR A 174 8.63 19.47 -16.63
N TRP A 175 7.92 20.18 -15.77
CA TRP A 175 8.29 20.26 -14.37
C TRP A 175 7.92 19.06 -13.51
N LEU A 176 6.92 18.29 -13.94
CA LEU A 176 6.49 17.14 -13.17
C LEU A 176 7.19 15.83 -13.53
N TRP A 177 7.39 15.55 -14.81
CA TRP A 177 8.05 14.30 -15.18
C TRP A 177 8.79 14.29 -16.51
N LYS A 178 8.42 15.20 -17.41
CA LYS A 178 9.01 15.23 -18.74
C LYS A 178 10.34 16.00 -18.94
N SER A 179 11.36 15.65 -18.16
CA SER A 179 12.67 16.29 -18.26
C SER A 179 13.54 15.89 -17.07
N ASN A 180 14.84 16.15 -17.18
CA ASN A 180 15.78 15.81 -16.12
C ASN A 180 15.78 16.84 -15.00
N GLU A 181 14.93 17.84 -15.12
CA GLU A 181 14.82 18.88 -14.09
C GLU A 181 13.47 18.70 -13.42
N SER A 182 12.74 17.67 -13.86
CA SER A 182 11.42 17.37 -13.35
C SER A 182 11.36 16.85 -11.93
N TYR A 183 10.18 16.95 -11.33
CA TYR A 183 9.96 16.48 -9.97
C TYR A 183 10.29 14.99 -9.93
N ALA A 184 9.84 14.24 -10.92
CA ALA A 184 10.11 12.80 -11.00
C ALA A 184 11.63 12.58 -11.05
N ALA A 185 12.32 13.46 -11.79
CA ALA A 185 13.77 13.38 -11.93
C ALA A 185 14.45 13.59 -10.59
N TYR A 186 13.97 14.59 -9.86
CA TYR A 186 14.52 14.94 -8.56
C TYR A 186 14.35 13.77 -7.58
N LEU A 187 13.10 13.34 -7.38
CA LEU A 187 12.82 12.22 -6.47
C LEU A 187 13.71 11.02 -6.80
N ARG A 188 13.86 10.72 -8.08
CA ARG A 188 14.69 9.60 -8.50
C ARG A 188 16.15 9.85 -8.17
N SER A 189 16.62 11.05 -8.45
CA SER A 189 18.03 11.40 -8.20
C SER A 189 18.42 11.13 -6.75
N ILE A 190 17.51 11.32 -5.81
CA ILE A 190 17.84 11.06 -4.41
C ILE A 190 17.59 9.60 -4.01
N GLY A 191 17.21 8.76 -4.96
CA GLY A 191 17.02 7.34 -4.64
C GLY A 191 15.64 6.68 -4.67
N PHE A 192 14.56 7.42 -4.89
CA PHE A 192 13.25 6.76 -4.90
C PHE A 192 13.21 5.74 -6.04
N ASP A 193 12.66 4.57 -5.75
CA ASP A 193 12.59 3.49 -6.74
C ASP A 193 11.23 3.40 -7.42
N GLY A 194 10.17 3.43 -6.62
CA GLY A 194 8.83 3.31 -7.16
C GLY A 194 7.92 4.47 -6.83
N TRP A 195 6.66 4.34 -7.24
CA TRP A 195 5.69 5.41 -7.02
C TRP A 195 4.33 4.98 -6.54
N ARG A 196 3.69 5.87 -5.79
CA ARG A 196 2.33 5.64 -5.32
C ARG A 196 1.62 6.93 -5.74
N PHE A 197 0.81 6.86 -6.80
CA PHE A 197 0.13 8.05 -7.27
C PHE A 197 -1.14 8.36 -6.51
N ASP A 198 -1.16 9.57 -5.94
CA ASP A 198 -2.27 10.06 -5.14
C ASP A 198 -3.48 10.54 -5.94
N TYR A 199 -4.67 10.15 -5.48
CA TYR A 199 -5.92 10.56 -6.11
C TYR A 199 -5.86 10.58 -7.64
N VAL A 200 -5.62 9.42 -8.24
CA VAL A 200 -5.52 9.32 -9.69
C VAL A 200 -6.85 9.55 -10.43
N LYS A 201 -7.95 9.58 -9.70
CA LYS A 201 -9.23 9.83 -10.33
C LYS A 201 -9.37 11.32 -10.62
N GLY A 202 -8.36 12.08 -10.24
CA GLY A 202 -8.39 13.52 -10.45
C GLY A 202 -7.83 13.93 -11.80
N TYR A 203 -7.24 12.97 -12.51
CA TYR A 203 -6.68 13.25 -13.82
C TYR A 203 -6.55 11.98 -14.65
N GLY A 204 -6.14 12.13 -15.91
CA GLY A 204 -6.02 11.00 -16.80
C GLY A 204 -4.93 9.97 -16.55
N ALA A 205 -5.20 8.75 -17.00
CA ALA A 205 -4.26 7.65 -16.86
C ALA A 205 -3.05 7.90 -17.74
N TRP A 206 -3.22 8.72 -18.77
CA TRP A 206 -2.13 9.03 -19.69
C TRP A 206 -0.98 9.73 -18.96
N VAL A 207 -1.30 10.44 -17.88
CA VAL A 207 -0.27 11.14 -17.11
C VAL A 207 0.66 10.12 -16.45
N VAL A 208 0.09 9.12 -15.80
CA VAL A 208 0.88 8.09 -15.15
C VAL A 208 1.62 7.26 -16.20
N ARG A 209 0.92 6.91 -17.27
CA ARG A 209 1.50 6.13 -18.35
C ARG A 209 2.77 6.81 -18.89
N ASP A 210 2.70 8.10 -19.17
CA ASP A 210 3.87 8.79 -19.70
C ASP A 210 4.95 8.96 -18.63
N TRP A 211 4.53 9.16 -17.38
CA TRP A 211 5.47 9.29 -16.29
C TRP A 211 6.30 8.01 -16.24
N LEU A 212 5.60 6.89 -16.30
CA LEU A 212 6.24 5.58 -16.24
C LEU A 212 7.09 5.30 -17.47
N ASN A 213 6.65 5.76 -18.64
CA ASN A 213 7.42 5.55 -19.87
C ASN A 213 8.78 6.22 -19.72
N TRP A 214 8.79 7.35 -19.04
CA TRP A 214 10.02 8.10 -18.82
C TRP A 214 10.93 7.57 -17.72
N TRP A 215 10.33 7.14 -16.61
CA TRP A 215 11.13 6.70 -15.47
C TRP A 215 11.01 5.27 -15.02
N GLY A 216 9.94 4.59 -15.43
CA GLY A 216 9.75 3.22 -15.02
C GLY A 216 9.67 3.12 -13.50
N GLY A 217 9.89 1.92 -12.99
CA GLY A 217 9.83 1.70 -11.56
C GLY A 217 8.47 1.15 -11.15
N TRP A 218 8.44 0.39 -10.08
CA TRP A 218 7.21 -0.19 -9.56
C TRP A 218 6.27 0.98 -9.33
N ALA A 219 5.00 0.80 -9.65
CA ALA A 219 4.02 1.88 -9.45
C ALA A 219 2.62 1.38 -9.12
N VAL A 220 1.94 2.14 -8.26
CA VAL A 220 0.57 1.82 -7.89
C VAL A 220 -0.17 3.14 -7.88
N GLY A 221 -1.46 3.09 -8.22
CA GLY A 221 -2.25 4.30 -8.23
C GLY A 221 -3.36 4.19 -7.21
N GLU A 222 -3.66 5.29 -6.54
CA GLU A 222 -4.73 5.30 -5.57
C GLU A 222 -6.01 5.67 -6.30
N TYR A 223 -6.69 4.67 -6.84
CA TYR A 223 -7.95 4.88 -7.55
C TYR A 223 -9.02 4.35 -6.60
N TRP A 224 -9.52 5.24 -5.75
CA TRP A 224 -10.51 4.88 -4.74
C TRP A 224 -11.94 4.74 -5.25
N ASP A 225 -12.32 3.51 -5.56
CA ASP A 225 -13.65 3.20 -6.06
C ASP A 225 -13.90 1.74 -5.76
N THR A 226 -15.16 1.30 -5.81
CA THR A 226 -15.48 -0.10 -5.54
C THR A 226 -15.73 -0.88 -6.83
N ASN A 227 -15.84 -0.16 -7.95
CA ASN A 227 -16.08 -0.79 -9.24
C ASN A 227 -14.79 -1.35 -9.82
N VAL A 228 -14.61 -2.65 -9.68
CA VAL A 228 -13.44 -3.34 -10.18
C VAL A 228 -13.12 -3.01 -11.64
N ASP A 229 -14.17 -2.92 -12.45
CA ASP A 229 -14.00 -2.60 -13.86
C ASP A 229 -13.30 -1.26 -14.07
N ALA A 230 -13.70 -0.25 -13.31
CA ALA A 230 -13.09 1.08 -13.42
C ALA A 230 -11.61 1.01 -13.00
N LEU A 231 -11.34 0.32 -11.90
CA LEU A 231 -9.98 0.19 -11.41
C LEU A 231 -9.07 -0.53 -12.39
N LEU A 232 -9.51 -1.66 -12.91
CA LEU A 232 -8.69 -2.41 -13.85
C LEU A 232 -8.51 -1.64 -15.16
N SER A 233 -9.53 -0.89 -15.54
CA SER A 233 -9.46 -0.08 -16.76
C SER A 233 -8.31 0.91 -16.62
N TRP A 234 -8.25 1.59 -15.48
CA TRP A 234 -7.21 2.57 -15.22
C TRP A 234 -5.84 1.88 -15.09
N ALA A 235 -5.83 0.73 -14.43
CA ALA A 235 -4.60 -0.03 -14.23
C ALA A 235 -3.96 -0.36 -15.57
N TYR A 236 -4.75 -0.92 -16.47
CA TYR A 236 -4.25 -1.28 -17.79
C TYR A 236 -3.85 -0.07 -18.63
N GLU A 237 -4.63 1.00 -18.57
CA GLU A 237 -4.31 2.19 -19.35
C GLU A 237 -3.08 2.93 -18.82
N SER A 238 -2.94 3.00 -17.50
CA SER A 238 -1.81 3.70 -16.88
C SER A 238 -0.55 2.87 -16.89
N GLY A 239 -0.72 1.55 -16.78
CA GLY A 239 0.42 0.65 -16.75
C GLY A 239 0.83 0.36 -15.31
N ALA A 240 0.07 0.90 -14.35
CA ALA A 240 0.39 0.73 -12.94
C ALA A 240 -0.57 -0.20 -12.20
N LYS A 241 -0.23 -0.54 -10.97
CA LYS A 241 -1.10 -1.39 -10.16
C LYS A 241 -2.11 -0.48 -9.47
N VAL A 242 -3.06 -1.07 -8.76
CA VAL A 242 -4.05 -0.26 -8.05
C VAL A 242 -4.32 -0.87 -6.67
N PHE A 243 -4.61 -0.04 -5.69
CA PHE A 243 -4.92 -0.54 -4.36
C PHE A 243 -6.26 -1.27 -4.46
N ASP A 244 -6.32 -2.46 -3.90
CA ASP A 244 -7.55 -3.25 -3.95
C ASP A 244 -8.61 -2.79 -2.97
N PHE A 245 -9.20 -1.61 -3.19
CA PHE A 245 -10.24 -1.13 -2.29
C PHE A 245 -11.40 -2.12 -2.30
N PRO A 246 -11.71 -2.72 -3.47
CA PRO A 246 -12.81 -3.70 -3.50
C PRO A 246 -12.62 -4.84 -2.50
N LEU A 247 -11.41 -5.40 -2.43
CA LEU A 247 -11.13 -6.48 -1.48
C LEU A 247 -11.27 -5.95 -0.06
N TYR A 248 -10.76 -4.74 0.15
CA TYR A 248 -10.79 -4.08 1.44
C TYR A 248 -12.20 -4.10 2.02
N TYR A 249 -13.16 -3.61 1.24
CA TYR A 249 -14.54 -3.56 1.68
C TYR A 249 -15.17 -4.93 1.88
N LYS A 250 -14.82 -5.89 1.04
CA LYS A 250 -15.36 -7.24 1.15
C LYS A 250 -14.79 -7.95 2.37
N MET A 251 -13.53 -7.70 2.68
CA MET A 251 -12.91 -8.31 3.85
C MET A 251 -13.62 -7.78 5.09
N ASP A 252 -13.99 -6.51 5.05
CA ASP A 252 -14.69 -5.92 6.18
C ASP A 252 -16.05 -6.58 6.30
N GLU A 253 -16.73 -6.76 5.17
CA GLU A 253 -18.04 -7.40 5.14
C GLU A 253 -17.98 -8.79 5.76
N ALA A 254 -16.89 -9.50 5.46
CA ALA A 254 -16.72 -10.86 5.95
C ALA A 254 -16.17 -10.97 7.36
N PHE A 255 -14.93 -10.53 7.54
CA PHE A 255 -14.23 -10.62 8.82
C PHE A 255 -14.81 -9.83 10.00
N ASP A 256 -15.52 -8.75 9.72
CA ASP A 256 -16.11 -7.95 10.80
C ASP A 256 -17.59 -8.25 11.06
N ASN A 257 -18.16 -9.24 10.38
CA ASN A 257 -19.58 -9.54 10.56
C ASN A 257 -19.92 -11.02 10.39
N ASN A 258 -18.99 -11.90 10.72
CA ASN A 258 -19.22 -13.34 10.58
C ASN A 258 -19.90 -13.62 9.25
N ASN A 259 -19.33 -13.11 8.16
CA ASN A 259 -19.93 -13.31 6.86
C ASN A 259 -18.88 -13.69 5.81
N ILE A 260 -18.13 -14.75 6.12
CA ILE A 260 -17.11 -15.25 5.22
C ILE A 260 -17.69 -15.48 3.81
N PRO A 261 -18.92 -16.00 3.72
CA PRO A 261 -19.51 -16.22 2.39
C PRO A 261 -19.48 -14.98 1.49
N ALA A 262 -19.61 -13.80 2.08
CA ALA A 262 -19.59 -12.58 1.28
C ALA A 262 -18.23 -12.42 0.59
N LEU A 263 -17.15 -12.83 1.26
CA LEU A 263 -15.81 -12.72 0.68
C LEU A 263 -15.61 -13.81 -0.37
N VAL A 264 -16.06 -15.03 -0.06
CA VAL A 264 -15.92 -16.13 -1.01
C VAL A 264 -16.62 -15.76 -2.32
N TYR A 265 -17.84 -15.26 -2.21
CA TYR A 265 -18.63 -14.87 -3.37
C TYR A 265 -17.90 -13.81 -4.19
N ALA A 266 -17.39 -12.79 -3.52
CA ALA A 266 -16.68 -11.69 -4.17
C ALA A 266 -15.47 -12.20 -4.94
N LEU A 267 -14.69 -13.07 -4.31
CA LEU A 267 -13.50 -13.64 -4.92
C LEU A 267 -13.83 -14.50 -6.14
N GLN A 268 -14.94 -15.22 -6.05
CA GLN A 268 -15.37 -16.10 -7.12
C GLN A 268 -16.02 -15.38 -8.30
N ASN A 269 -16.67 -14.25 -8.03
CA ASN A 269 -17.36 -13.51 -9.08
C ASN A 269 -16.65 -12.22 -9.49
N GLY A 270 -15.33 -12.22 -9.43
CA GLY A 270 -14.55 -11.06 -9.84
C GLY A 270 -14.94 -9.73 -9.23
N GLN A 271 -15.35 -9.74 -7.96
CA GLN A 271 -15.74 -8.50 -7.30
C GLN A 271 -14.58 -7.85 -6.53
N THR A 272 -13.36 -8.28 -6.82
CA THR A 272 -12.16 -7.71 -6.19
C THR A 272 -11.12 -7.66 -7.29
N VAL A 273 -10.14 -6.77 -7.15
CA VAL A 273 -9.11 -6.67 -8.17
C VAL A 273 -8.24 -7.93 -8.16
N VAL A 274 -7.87 -8.36 -6.95
CA VAL A 274 -7.03 -9.53 -6.81
C VAL A 274 -7.59 -10.82 -7.42
N SER A 275 -8.91 -11.02 -7.36
CA SER A 275 -9.47 -12.23 -7.93
C SER A 275 -9.60 -12.13 -9.45
N ARG A 276 -9.44 -10.94 -9.99
CA ARG A 276 -9.50 -10.72 -11.43
C ARG A 276 -8.11 -10.77 -12.02
N ASP A 277 -7.24 -9.92 -11.51
CA ASP A 277 -5.86 -9.83 -11.98
C ASP A 277 -4.98 -9.64 -10.75
N PRO A 278 -4.45 -10.73 -10.19
CA PRO A 278 -3.60 -10.64 -9.00
C PRO A 278 -2.32 -9.82 -9.18
N PHE A 279 -1.88 -9.64 -10.42
CA PHE A 279 -0.65 -8.88 -10.68
C PHE A 279 -0.91 -7.38 -10.62
N LYS A 280 -2.17 -6.99 -10.62
CA LYS A 280 -2.53 -5.58 -10.56
C LYS A 280 -3.04 -5.19 -9.18
N ALA A 281 -3.14 -6.16 -8.28
CA ALA A 281 -3.67 -5.86 -6.97
C ALA A 281 -2.67 -5.64 -5.84
N VAL A 282 -2.76 -4.47 -5.22
CA VAL A 282 -1.92 -4.12 -4.08
C VAL A 282 -2.94 -4.13 -2.95
N THR A 283 -2.87 -5.17 -2.13
CA THR A 283 -3.81 -5.35 -1.03
C THR A 283 -3.41 -4.69 0.28
N PHE A 284 -4.39 -4.43 1.13
CA PHE A 284 -4.14 -3.78 2.41
C PHE A 284 -5.31 -3.98 3.35
N VAL A 285 -5.04 -3.87 4.64
CA VAL A 285 -6.06 -4.02 5.66
C VAL A 285 -6.47 -2.64 6.17
N ALA A 286 -5.58 -1.66 6.01
CA ALA A 286 -5.88 -0.30 6.45
C ALA A 286 -4.88 0.69 5.87
N ASN A 287 -5.28 1.95 5.75
CA ASN A 287 -4.37 2.98 5.28
C ASN A 287 -4.65 4.27 6.05
N HIS A 288 -3.96 5.34 5.71
CA HIS A 288 -4.12 6.60 6.41
C HIS A 288 -5.45 7.32 6.14
N ASP A 289 -6.19 6.87 5.14
CA ASP A 289 -7.48 7.50 4.80
C ASP A 289 -8.69 6.76 5.37
N THR A 290 -8.56 5.45 5.52
CA THR A 290 -9.66 4.64 6.00
C THR A 290 -9.17 3.44 6.82
N ASP A 291 -9.92 3.09 7.84
CA ASP A 291 -9.54 1.98 8.72
C ASP A 291 -10.78 1.45 9.41
N ILE A 292 -11.60 0.72 8.66
CA ILE A 292 -12.86 0.18 9.17
C ILE A 292 -12.84 -1.26 9.63
N ILE A 293 -11.78 -2.00 9.34
CA ILE A 293 -11.69 -3.39 9.74
C ILE A 293 -11.15 -3.50 11.17
N TRP A 294 -11.98 -3.96 12.09
CA TRP A 294 -11.52 -4.10 13.48
C TRP A 294 -10.87 -5.45 13.74
N ASN A 295 -11.35 -6.49 13.07
CA ASN A 295 -10.77 -7.82 13.24
C ASN A 295 -9.60 -7.96 12.27
N LYS A 296 -8.56 -7.19 12.52
CA LYS A 296 -7.35 -7.15 11.70
C LYS A 296 -6.50 -8.41 11.61
N TYR A 297 -6.56 -9.30 12.59
CA TYR A 297 -5.74 -10.50 12.52
C TYR A 297 -6.19 -11.41 11.37
N PRO A 298 -7.50 -11.70 11.27
CA PRO A 298 -7.93 -12.55 10.16
C PRO A 298 -7.63 -11.82 8.83
N ALA A 299 -7.78 -10.50 8.86
CA ALA A 299 -7.54 -9.68 7.67
C ALA A 299 -6.09 -9.78 7.20
N TYR A 300 -5.15 -9.59 8.12
CA TYR A 300 -3.73 -9.68 7.77
C TYR A 300 -3.32 -11.10 7.40
N ALA A 301 -3.91 -12.07 8.08
CA ALA A 301 -3.61 -13.46 7.79
C ALA A 301 -4.06 -13.72 6.34
N PHE A 302 -5.15 -13.08 5.93
CA PHE A 302 -5.67 -13.27 4.57
C PHE A 302 -4.84 -12.59 3.48
N ILE A 303 -4.56 -11.29 3.60
CA ILE A 303 -3.78 -10.66 2.54
C ILE A 303 -2.32 -11.13 2.53
N LEU A 304 -1.85 -11.69 3.64
CA LEU A 304 -0.47 -12.17 3.68
C LEU A 304 -0.31 -13.64 3.28
N THR A 305 -1.41 -14.37 3.09
CA THR A 305 -1.32 -15.76 2.66
C THR A 305 -2.07 -15.98 1.34
N TYR A 306 -2.89 -14.99 0.97
CA TYR A 306 -3.65 -15.06 -0.29
C TYR A 306 -2.83 -14.39 -1.40
N GLU A 307 -3.36 -14.40 -2.62
CA GLU A 307 -2.69 -13.79 -3.76
C GLU A 307 -2.72 -12.27 -3.67
N GLY A 308 -1.88 -11.62 -4.48
CA GLY A 308 -1.81 -10.17 -4.47
C GLY A 308 -0.51 -9.68 -3.85
N GLN A 309 -0.32 -8.36 -3.77
CA GLN A 309 0.89 -7.81 -3.16
C GLN A 309 0.42 -7.03 -1.93
N PRO A 310 0.70 -7.55 -0.74
CA PRO A 310 0.31 -6.94 0.53
C PRO A 310 1.08 -5.75 1.07
N VAL A 311 0.32 -4.86 1.70
CA VAL A 311 0.87 -3.66 2.32
C VAL A 311 0.53 -3.69 3.80
N ILE A 312 1.54 -3.49 4.64
CA ILE A 312 1.31 -3.46 6.08
C ILE A 312 1.24 -2.00 6.52
N PHE A 313 0.19 -1.66 7.26
CA PHE A 313 -0.02 -0.29 7.75
C PHE A 313 0.89 -0.06 8.95
N TYR A 314 1.67 1.02 8.91
CA TYR A 314 2.59 1.33 10.00
C TYR A 314 1.98 1.19 11.39
N ARG A 315 0.87 1.89 11.61
CA ARG A 315 0.22 1.87 12.91
C ARG A 315 -0.13 0.47 13.43
N ASP A 316 -0.45 -0.45 12.52
CA ASP A 316 -0.78 -1.79 12.95
C ASP A 316 0.46 -2.55 13.37
N PHE A 317 1.56 -2.32 12.65
CA PHE A 317 2.83 -2.99 12.91
C PHE A 317 3.62 -2.39 14.06
N GLU A 318 3.57 -1.07 14.22
CA GLU A 318 4.35 -0.40 15.26
C GLU A 318 3.57 0.15 16.45
N GLU A 319 2.27 -0.05 16.47
CA GLU A 319 1.49 0.46 17.60
C GLU A 319 0.37 -0.43 18.09
N TRP A 320 -0.60 -0.71 17.23
CA TRP A 320 -1.77 -1.47 17.62
C TRP A 320 -1.73 -3.00 17.70
N LEU A 321 -1.04 -3.66 16.78
CA LEU A 321 -1.05 -5.11 16.81
C LEU A 321 0.21 -5.78 17.33
N ASN A 322 0.10 -7.08 17.57
CA ASN A 322 1.20 -7.90 18.05
C ASN A 322 2.19 -7.99 16.89
N LYS A 323 3.32 -7.31 17.01
CA LYS A 323 4.31 -7.27 15.94
C LYS A 323 4.80 -8.65 15.50
N ASP A 324 5.11 -9.51 16.47
CA ASP A 324 5.59 -10.86 16.18
C ASP A 324 4.69 -11.67 15.27
N LYS A 325 3.37 -11.50 15.40
CA LYS A 325 2.45 -12.24 14.55
C LYS A 325 2.51 -11.74 13.11
N LEU A 326 2.73 -10.44 12.95
CA LEU A 326 2.83 -9.84 11.63
C LEU A 326 4.14 -10.25 10.96
N ILE A 327 5.21 -10.24 11.73
CA ILE A 327 6.53 -10.64 11.24
C ILE A 327 6.44 -12.10 10.81
N ASN A 328 5.72 -12.89 11.59
CA ASN A 328 5.54 -14.31 11.30
C ASN A 328 4.77 -14.46 9.99
N LEU A 329 3.72 -13.66 9.81
CA LEU A 329 2.94 -13.69 8.59
C LEU A 329 3.75 -13.25 7.38
N ILE A 330 4.65 -12.29 7.59
CA ILE A 330 5.49 -11.82 6.48
C ILE A 330 6.38 -12.97 6.03
N TRP A 331 6.95 -13.68 6.99
CA TRP A 331 7.81 -14.82 6.68
C TRP A 331 7.01 -15.86 5.91
N ILE A 332 5.80 -16.14 6.37
CA ILE A 332 4.94 -17.12 5.72
C ILE A 332 4.61 -16.67 4.29
N HIS A 333 4.31 -15.38 4.11
CA HIS A 333 3.99 -14.87 2.79
C HIS A 333 5.11 -15.09 1.79
N ASP A 334 6.33 -14.76 2.19
CA ASP A 334 7.48 -14.88 1.30
C ASP A 334 8.04 -16.30 1.17
N HIS A 335 7.71 -17.19 2.09
CA HIS A 335 8.23 -18.55 2.00
C HIS A 335 7.23 -19.63 1.63
N LEU A 336 5.97 -19.42 1.97
CA LEU A 336 4.94 -20.42 1.71
C LEU A 336 3.82 -20.04 0.77
N ALA A 337 3.36 -18.78 0.84
CA ALA A 337 2.24 -18.30 0.03
C ALA A 337 2.49 -18.07 -1.45
N GLY A 338 2.46 -19.14 -2.24
CA GLY A 338 2.64 -19.01 -3.68
C GLY A 338 1.67 -19.86 -4.47
N GLY A 339 1.49 -19.53 -5.74
CA GLY A 339 0.61 -20.29 -6.61
C GLY A 339 -0.85 -19.89 -6.63
N SER A 340 -1.66 -20.75 -7.25
CA SER A 340 -3.09 -20.51 -7.35
C SER A 340 -3.73 -20.81 -6.01
N THR A 341 -5.03 -20.51 -5.90
CA THR A 341 -5.74 -20.73 -4.65
C THR A 341 -6.94 -21.65 -4.82
N THR A 342 -7.17 -22.50 -3.82
CA THR A 342 -8.29 -23.42 -3.83
C THR A 342 -9.05 -23.29 -2.52
N ILE A 343 -10.32 -22.91 -2.58
CA ILE A 343 -11.13 -22.80 -1.38
C ILE A 343 -11.47 -24.23 -0.98
N VAL A 344 -11.17 -24.58 0.27
CA VAL A 344 -11.43 -25.93 0.75
C VAL A 344 -12.71 -26.01 1.59
N TYR A 345 -12.92 -25.01 2.44
CA TYR A 345 -14.09 -25.01 3.28
C TYR A 345 -14.51 -23.58 3.63
N TYR A 346 -15.78 -23.42 3.97
CA TYR A 346 -16.29 -22.13 4.38
C TYR A 346 -17.72 -22.22 4.88
N ASP A 347 -18.00 -21.41 5.89
CA ASP A 347 -19.33 -21.28 6.47
C ASP A 347 -19.33 -19.84 6.93
N ASN A 348 -20.28 -19.44 7.76
CA ASN A 348 -20.34 -18.06 8.21
C ASN A 348 -19.08 -17.56 8.93
N ASP A 349 -18.46 -18.41 9.74
CA ASP A 349 -17.30 -17.96 10.51
C ASP A 349 -15.99 -18.69 10.29
N GLU A 350 -15.90 -19.49 9.24
CA GLU A 350 -14.67 -20.22 8.96
C GLU A 350 -14.29 -20.18 7.49
N LEU A 351 -13.00 -20.08 7.24
CA LEU A 351 -12.48 -20.05 5.89
C LEU A 351 -11.20 -20.85 5.81
N ILE A 352 -11.17 -21.82 4.90
CA ILE A 352 -9.98 -22.62 4.73
C ILE A 352 -9.65 -22.69 3.25
N PHE A 353 -8.43 -22.29 2.90
CA PHE A 353 -8.01 -22.35 1.51
C PHE A 353 -6.57 -22.81 1.37
N VAL A 354 -6.28 -23.35 0.19
CA VAL A 354 -4.96 -23.86 -0.13
C VAL A 354 -4.25 -23.01 -1.18
N ARG A 355 -2.96 -22.77 -0.95
CA ARG A 355 -2.14 -22.06 -1.93
C ARG A 355 -1.36 -23.24 -2.50
N ASN A 356 -1.53 -23.48 -3.80
CA ASN A 356 -0.89 -24.62 -4.45
C ASN A 356 0.61 -24.54 -4.72
N GLY A 357 1.20 -23.38 -4.45
CA GLY A 357 2.63 -23.21 -4.60
C GLY A 357 3.15 -22.80 -5.97
N ASP A 358 4.33 -22.19 -5.98
CA ASP A 358 5.00 -21.79 -7.22
C ASP A 358 6.40 -22.39 -7.21
N SER A 359 7.27 -21.90 -8.06
CA SER A 359 8.62 -22.46 -8.14
C SER A 359 9.47 -22.14 -6.92
N ARG A 360 9.11 -21.09 -6.18
CA ARG A 360 9.88 -20.69 -5.01
C ARG A 360 9.20 -21.01 -3.68
N ARG A 361 7.88 -21.01 -3.66
CA ARG A 361 7.12 -21.27 -2.45
C ARG A 361 6.24 -22.51 -2.58
N PRO A 362 6.43 -23.48 -1.67
CA PRO A 362 5.72 -24.76 -1.60
C PRO A 362 4.19 -24.68 -1.56
N GLY A 363 3.65 -23.62 -0.97
CA GLY A 363 2.21 -23.47 -0.86
C GLY A 363 1.82 -23.56 0.61
N LEU A 364 0.52 -23.56 0.91
CA LEU A 364 0.11 -23.62 2.30
C LEU A 364 -1.38 -23.84 2.46
N ILE A 365 -1.81 -23.87 3.72
CA ILE A 365 -3.21 -24.02 4.06
C ILE A 365 -3.52 -22.98 5.13
N THR A 366 -4.45 -22.09 4.83
CA THR A 366 -4.85 -21.07 5.78
C THR A 366 -6.22 -21.43 6.34
N TYR A 367 -6.33 -21.37 7.66
CA TYR A 367 -7.58 -21.68 8.33
C TYR A 367 -7.95 -20.49 9.18
N ILE A 368 -8.90 -19.70 8.71
CA ILE A 368 -9.34 -18.53 9.46
C ILE A 368 -10.61 -18.86 10.22
N ASN A 369 -10.63 -18.48 11.50
CA ASN A 369 -11.78 -18.73 12.36
C ASN A 369 -12.20 -17.42 13.02
N LEU A 370 -13.46 -17.03 12.79
CA LEU A 370 -14.00 -15.81 13.36
C LEU A 370 -14.82 -16.09 14.61
N SER A 371 -15.13 -17.37 14.85
CA SER A 371 -15.92 -17.76 16.01
C SER A 371 -15.11 -17.64 17.28
N PRO A 372 -15.79 -17.56 18.43
CA PRO A 372 -15.12 -17.44 19.73
C PRO A 372 -14.63 -18.75 20.34
N ASN A 373 -14.72 -19.84 19.59
CA ASN A 373 -14.30 -21.14 20.11
C ASN A 373 -13.20 -21.81 19.31
N TRP A 374 -12.57 -22.82 19.90
CA TRP A 374 -11.55 -23.58 19.20
C TRP A 374 -12.32 -24.38 18.15
N VAL A 375 -11.74 -24.53 16.96
CA VAL A 375 -12.41 -25.28 15.91
C VAL A 375 -11.49 -26.29 15.26
N GLY A 376 -12.09 -27.30 14.66
CA GLY A 376 -11.33 -28.33 13.97
C GLY A 376 -12.14 -28.81 12.79
N ARG A 377 -11.45 -29.22 11.73
CA ARG A 377 -12.13 -29.70 10.53
C ARG A 377 -11.35 -30.78 9.78
N TRP A 378 -12.08 -31.76 9.26
CA TRP A 378 -11.46 -32.79 8.45
C TRP A 378 -11.49 -32.21 7.05
N VAL A 379 -10.32 -31.94 6.48
CA VAL A 379 -10.28 -31.37 5.15
C VAL A 379 -9.54 -32.27 4.17
N TYR A 380 -9.93 -32.17 2.91
CA TYR A 380 -9.33 -32.94 1.85
C TYR A 380 -8.38 -32.03 1.09
N VAL A 381 -7.08 -32.25 1.28
CA VAL A 381 -6.06 -31.43 0.63
C VAL A 381 -5.00 -32.30 -0.03
N PRO A 382 -5.35 -32.95 -1.16
CA PRO A 382 -4.44 -33.83 -1.90
C PRO A 382 -3.07 -33.22 -2.21
N LYS A 383 -3.00 -31.90 -2.24
CA LYS A 383 -1.75 -31.18 -2.48
C LYS A 383 -0.72 -31.59 -1.43
N PHE A 384 -1.16 -31.80 -0.20
CA PHE A 384 -0.23 -32.19 0.86
C PHE A 384 -0.25 -33.67 1.24
N ALA A 385 -0.88 -34.52 0.44
CA ALA A 385 -0.94 -35.94 0.74
C ALA A 385 0.46 -36.55 0.74
N GLY A 386 0.69 -37.46 1.69
CA GLY A 386 1.98 -38.12 1.80
C GLY A 386 3.04 -37.28 2.48
N ALA A 387 2.62 -36.21 3.14
CA ALA A 387 3.58 -35.34 3.79
C ALA A 387 3.32 -35.01 5.26
N CYS A 388 4.33 -34.42 5.88
CA CYS A 388 4.26 -33.97 7.26
C CYS A 388 3.99 -32.48 7.12
N ILE A 389 2.92 -31.99 7.75
CA ILE A 389 2.65 -30.56 7.69
C ILE A 389 2.80 -29.99 9.08
N HIS A 390 3.17 -28.72 9.14
CA HIS A 390 3.40 -28.05 10.41
C HIS A 390 2.61 -26.74 10.44
N GLU A 391 2.11 -26.37 11.62
CA GLU A 391 1.37 -25.12 11.78
C GLU A 391 2.50 -24.10 12.02
N TYR A 392 2.58 -23.08 11.18
CA TYR A 392 3.66 -22.11 11.28
C TYR A 392 3.48 -20.84 12.11
N THR A 393 2.27 -20.57 12.59
CA THR A 393 2.06 -19.35 13.37
C THR A 393 2.26 -19.51 14.87
N GLY A 394 2.07 -20.74 15.36
CA GLY A 394 2.21 -20.98 16.78
C GLY A 394 0.93 -20.58 17.49
N ASN A 395 -0.09 -20.24 16.71
CA ASN A 395 -1.39 -19.82 17.24
C ASN A 395 -2.17 -20.95 17.92
N LEU A 396 -1.65 -22.17 17.90
CA LEU A 396 -2.36 -23.26 18.56
C LEU A 396 -1.85 -23.44 19.98
N GLY A 397 -0.94 -22.55 20.39
CA GLY A 397 -0.40 -22.61 21.74
C GLY A 397 0.82 -23.50 21.89
N GLY A 398 1.21 -24.17 20.81
CA GLY A 398 2.37 -25.03 20.87
C GLY A 398 2.85 -25.50 19.50
N TRP A 399 3.84 -26.40 19.51
CA TRP A 399 4.39 -26.95 18.28
C TRP A 399 3.49 -28.08 17.81
N VAL A 400 2.83 -27.88 16.67
CA VAL A 400 1.93 -28.89 16.14
C VAL A 400 2.27 -29.40 14.74
N ASP A 401 2.52 -30.70 14.65
CA ASP A 401 2.82 -31.33 13.37
C ASP A 401 1.76 -32.38 13.14
N LYS A 402 1.44 -32.64 11.88
CA LYS A 402 0.44 -33.65 11.55
C LYS A 402 0.84 -34.35 10.28
N ARG A 403 0.45 -35.61 10.16
CA ARG A 403 0.76 -36.36 8.98
C ARG A 403 -0.47 -36.44 8.09
N VAL A 404 -0.30 -36.02 6.84
CA VAL A 404 -1.37 -36.10 5.87
C VAL A 404 -1.03 -37.37 5.11
N ASP A 405 -1.67 -38.48 5.45
CA ASP A 405 -1.37 -39.73 4.73
C ASP A 405 -1.82 -39.63 3.28
N SER A 406 -1.46 -40.64 2.49
CA SER A 406 -1.79 -40.70 1.07
C SER A 406 -3.24 -40.29 0.79
N SER A 407 -4.13 -40.56 1.75
CA SER A 407 -5.55 -40.25 1.64
C SER A 407 -5.80 -38.80 1.22
N GLY A 408 -5.04 -37.88 1.79
CA GLY A 408 -5.21 -36.48 1.48
C GLY A 408 -6.05 -35.80 2.53
N TRP A 409 -6.56 -36.58 3.48
CA TRP A 409 -7.38 -36.05 4.55
C TRP A 409 -6.56 -35.73 5.79
N VAL A 410 -6.91 -34.63 6.45
CA VAL A 410 -6.21 -34.23 7.65
C VAL A 410 -7.15 -33.39 8.52
N TYR A 411 -7.05 -33.56 9.83
CA TYR A 411 -7.88 -32.82 10.75
C TYR A 411 -7.12 -31.56 11.12
N LEU A 412 -7.60 -30.41 10.65
CA LEU A 412 -6.94 -29.13 10.93
C LEU A 412 -7.65 -28.37 12.03
N GLU A 413 -6.88 -27.67 12.87
CA GLU A 413 -7.45 -26.88 13.96
C GLU A 413 -7.08 -25.40 13.85
N ALA A 414 -7.95 -24.55 14.39
CA ALA A 414 -7.72 -23.11 14.40
C ALA A 414 -8.10 -22.60 15.78
N PRO A 415 -7.41 -21.57 16.28
CA PRO A 415 -7.72 -21.02 17.60
C PRO A 415 -8.97 -20.16 17.55
N PRO A 416 -9.52 -19.82 18.72
CA PRO A 416 -10.72 -18.99 18.75
C PRO A 416 -10.31 -17.61 18.25
N HIS A 417 -11.29 -16.79 17.88
CA HIS A 417 -10.96 -15.44 17.46
C HIS A 417 -11.29 -14.56 18.66
N ASP A 418 -10.29 -14.34 19.50
CA ASP A 418 -10.47 -13.52 20.68
C ASP A 418 -9.15 -12.80 20.90
N PRO A 419 -8.79 -11.91 19.96
CA PRO A 419 -7.54 -11.16 20.06
C PRO A 419 -7.37 -10.40 21.38
N ALA A 420 -8.46 -9.95 21.96
CA ALA A 420 -8.39 -9.23 23.23
C ALA A 420 -7.71 -10.10 24.29
N ASN A 421 -7.80 -11.41 24.09
CA ASN A 421 -7.19 -12.36 25.03
C ASN A 421 -6.05 -13.17 24.42
N GLY A 422 -5.49 -12.68 23.32
CA GLY A 422 -4.38 -13.39 22.71
C GLY A 422 -4.69 -14.55 21.79
N TYR A 423 -5.95 -14.70 21.38
CA TYR A 423 -6.34 -15.75 20.45
C TYR A 423 -6.65 -15.00 19.15
N TYR A 424 -5.80 -15.20 18.15
CA TYR A 424 -5.89 -14.48 16.89
C TYR A 424 -6.79 -14.97 15.77
N GLY A 425 -7.45 -16.10 15.97
CA GLY A 425 -8.38 -16.61 14.96
C GLY A 425 -7.86 -17.15 13.64
N TYR A 426 -6.69 -17.76 13.63
CA TYR A 426 -6.17 -18.33 12.39
C TYR A 426 -4.97 -19.22 12.64
N SER A 427 -4.77 -20.16 11.73
CA SER A 427 -3.64 -21.07 11.78
C SER A 427 -3.23 -21.22 10.31
N VAL A 428 -1.93 -21.42 10.07
CA VAL A 428 -1.42 -21.56 8.71
C VAL A 428 -0.53 -22.78 8.68
N TRP A 429 -0.75 -23.63 7.68
CA TRP A 429 0.00 -24.87 7.58
C TRP A 429 0.73 -25.04 6.26
N SER A 430 1.75 -25.89 6.30
CA SER A 430 2.53 -26.22 5.11
C SER A 430 3.48 -27.36 5.47
N TYR A 431 4.18 -27.92 4.48
CA TYR A 431 5.12 -29.02 4.72
C TYR A 431 6.08 -28.70 5.87
N CYS A 432 6.34 -29.71 6.71
CA CYS A 432 7.25 -29.54 7.85
C CYS A 432 8.66 -29.25 7.36
N GLY A 433 9.45 -28.55 8.17
CA GLY A 433 10.82 -28.27 7.82
C GLY A 433 11.19 -27.12 6.90
N VAL A 434 10.28 -26.18 6.68
CA VAL A 434 10.62 -25.06 5.80
C VAL A 434 11.33 -23.94 6.56
#